data_6L8I
#
_entry.id   6L8I
#
_cell.length_a   58.069
_cell.length_b   81.520
_cell.length_c   110.196
_cell.angle_alpha   90.000
_cell.angle_beta   90.000
_cell.angle_gamma   90.000
#
_symmetry.space_group_name_H-M   'P 21 21 21'
#
loop_
_entity.id
_entity.type
_entity.pdbx_description
1 polymer 'Protein LUTEIN DEFICIENT 5, chloroplastic'
2 non-polymer 'PROTOPORPHYRIN IX CONTAINING FE'
3 water water
#
_entity_poly.entity_id   1
_entity_poly.type   'polypeptide(L)'
_entity_poly.pdbx_seq_one_letter_code
;GSFPSTVKNGLSKIGIPSNVLDFMFDWTGSDQDYPKVPEAKGSIQAVRNEAFFIPLYELFLTYGGIFRLTFGPKSFLIVS
DPSIAKHILKDNAKAYSKGILAEILDFVMGKGLIPADGEIWRRRRRAIVPALHQKYVAAMISLFGEASDRLCQKLDAAAL
KGEEVEMESLFSRLTLDIIGKAVFNYDFDSLTNDTGVIEAVYTVLREAEDRSVDPIPVWDIPILKDIVPRQRKVATSLKL
INDTLDDLIATCKRMVEEEELQFHEEYMNERDPSILHFLLASGDDVSSKQLRDDLMTMLIAGHETSAAVLTWTFYLLTTE
PSVVAKLQEEVDSVIGDRFPTIQDMKKLKYTTRVMNESLRLYPQPPVLIRRSIDNDILGEYPIKRGEDIFISVWNLHRSP
LHWDDAEKFNPERWPLDGPNPNETNQNFSYLPFGGGPRKCIGDMFASFENVVAIAMLIRRFNFQIAPGAPPVKMTTGATI
HTTEGLKLTVTKRTKPLDIPSVPILPMDTSRDEVSSALS
;
_entity_poly.pdbx_strand_id   A
#
# COMPACT_ATOMS: atom_id res chain seq x y z
N GLU A 50 14.77 14.21 -5.44
CA GLU A 50 13.76 15.18 -5.03
C GLU A 50 12.44 14.91 -5.74
N ALA A 51 11.37 14.78 -4.94
CA ALA A 51 10.05 14.42 -5.43
C ALA A 51 9.50 15.35 -6.51
N PHE A 52 9.14 14.77 -7.65
CA PHE A 52 8.64 15.52 -8.80
C PHE A 52 7.27 16.13 -8.56
N PHE A 53 6.50 15.53 -7.65
CA PHE A 53 5.16 16.04 -7.39
C PHE A 53 5.15 17.34 -6.60
N ILE A 54 6.25 17.69 -5.96
CA ILE A 54 6.32 18.94 -5.22
C ILE A 54 6.15 20.18 -6.10
N PRO A 55 6.95 20.34 -7.17
CA PRO A 55 6.74 21.51 -8.02
C PRO A 55 5.32 21.58 -8.59
N LEU A 56 4.68 20.42 -8.72
CA LEU A 56 3.34 20.38 -9.30
C LEU A 56 2.32 21.02 -8.39
N TYR A 57 2.56 20.99 -7.07
CA TYR A 57 1.64 21.62 -6.13
C TYR A 57 1.59 23.15 -6.32
N GLU A 58 2.74 23.81 -6.33
CA GLU A 58 2.76 25.27 -6.55
C GLU A 58 2.23 25.66 -7.94
N LEU A 59 2.51 24.84 -8.94
CA LEU A 59 1.94 25.08 -10.27
C LEU A 59 0.42 24.96 -10.27
N PHE A 60 -0.10 23.95 -9.55
CA PHE A 60 -1.54 23.81 -9.38
C PHE A 60 -2.17 25.04 -8.71
N LEU A 61 -1.53 25.57 -7.68
CA LEU A 61 -2.04 26.76 -7.00
C LEU A 61 -2.13 27.96 -7.96
N THR A 62 -1.17 28.06 -8.86
CA THR A 62 -1.13 29.19 -9.79
C THR A 62 -1.97 28.98 -11.06
N TYR A 63 -1.92 27.78 -11.62
CA TYR A 63 -2.50 27.55 -12.94
C TYR A 63 -3.79 26.73 -12.95
N GLY A 64 -4.13 26.15 -11.81
CA GLY A 64 -5.43 25.52 -11.62
C GLY A 64 -5.46 24.01 -11.75
N GLY A 65 -6.67 23.47 -11.88
CA GLY A 65 -6.92 22.03 -11.74
C GLY A 65 -6.62 21.22 -12.99
N ILE A 66 -6.29 21.89 -14.08
CA ILE A 66 -5.76 21.19 -15.25
C ILE A 66 -4.84 22.11 -16.05
N PHE A 67 -3.61 21.65 -16.24
CA PHE A 67 -2.64 22.40 -17.04
C PHE A 67 -1.73 21.44 -17.77
N ARG A 68 -1.04 21.94 -18.79
CA ARG A 68 -0.18 21.11 -19.60
C ARG A 68 1.27 21.40 -19.24
N LEU A 69 1.95 20.40 -18.72
CA LEU A 69 3.33 20.54 -18.35
C LEU A 69 4.13 20.11 -19.56
N THR A 70 4.97 21.00 -20.08
CA THR A 70 5.71 20.66 -21.28
C THR A 70 7.21 20.57 -21.05
N PHE A 71 7.81 19.57 -21.67
CA PHE A 71 9.25 19.37 -21.65
C PHE A 71 9.66 19.33 -23.10
N GLY A 72 9.88 20.49 -23.69
CA GLY A 72 10.19 20.55 -25.11
C GLY A 72 9.00 20.05 -25.92
N PRO A 73 9.22 19.04 -26.78
CA PRO A 73 8.19 18.54 -27.68
C PRO A 73 7.24 17.54 -27.01
N LYS A 74 7.48 17.21 -25.75
CA LYS A 74 6.60 16.29 -25.05
C LYS A 74 5.84 16.99 -23.92
N SER A 75 4.62 16.52 -23.62
CA SER A 75 3.84 17.16 -22.57
C SER A 75 2.96 16.18 -21.83
N PHE A 76 2.50 16.62 -20.67
CA PHE A 76 1.64 15.80 -19.81
C PHE A 76 0.56 16.73 -19.26
N LEU A 77 -0.66 16.22 -19.16
CA LEU A 77 -1.72 16.99 -18.53
C LEU A 77 -1.72 16.67 -17.05
N ILE A 78 -1.65 17.71 -16.22
CA ILE A 78 -1.62 17.54 -14.78
C ILE A 78 -2.99 17.88 -14.24
N VAL A 79 -3.66 16.90 -13.64
CA VAL A 79 -5.03 17.07 -13.16
C VAL A 79 -5.06 17.08 -11.63
N SER A 80 -5.60 18.16 -11.05
CA SER A 80 -5.68 18.32 -9.61
C SER A 80 -7.08 18.70 -9.12
N ASP A 81 -8.06 18.55 -10.00
CA ASP A 81 -9.46 18.93 -9.74
C ASP A 81 -10.24 17.65 -9.52
N PRO A 82 -10.96 17.52 -8.39
CA PRO A 82 -11.62 16.24 -8.09
C PRO A 82 -12.73 15.88 -9.07
N SER A 83 -13.38 16.88 -9.65
CA SER A 83 -14.42 16.62 -10.63
C SER A 83 -13.81 16.01 -11.89
N ILE A 84 -12.68 16.58 -12.33
CA ILE A 84 -11.98 16.05 -13.48
C ILE A 84 -11.43 14.65 -13.19
N ALA A 85 -10.82 14.49 -12.02
CA ALA A 85 -10.36 13.18 -11.56
C ALA A 85 -11.47 12.12 -11.61
N LYS A 86 -12.63 12.49 -11.08
CA LYS A 86 -13.77 11.57 -11.06
C LYS A 86 -14.21 11.21 -12.48
N HIS A 87 -14.15 12.20 -13.37
CA HIS A 87 -14.54 11.96 -14.76
C HIS A 87 -13.62 10.93 -15.40
N ILE A 88 -12.32 11.04 -15.15
CA ILE A 88 -11.34 10.16 -15.75
C ILE A 88 -11.33 8.78 -15.10
N LEU A 89 -11.44 8.76 -13.78
CA LEU A 89 -11.30 7.50 -13.05
C LEU A 89 -12.58 6.68 -12.98
N LYS A 90 -13.73 7.36 -13.01
CA LYS A 90 -15.02 6.69 -12.79
C LYS A 90 -16.03 6.95 -13.90
N ASP A 91 -16.49 8.20 -14.04
CA ASP A 91 -17.61 8.49 -14.94
C ASP A 91 -17.36 8.09 -16.40
N ASN A 92 -16.15 8.37 -16.90
CA ASN A 92 -15.80 8.09 -18.29
C ASN A 92 -14.51 7.27 -18.37
N ALA A 93 -14.34 6.33 -17.45
CA ALA A 93 -13.14 5.50 -17.41
C ALA A 93 -12.85 4.76 -18.74
N LYS A 94 -13.90 4.45 -19.49
CA LYS A 94 -13.71 3.71 -20.74
C LYS A 94 -12.91 4.46 -21.79
N ALA A 95 -12.76 5.78 -21.62
CA ALA A 95 -12.01 6.59 -22.57
C ALA A 95 -10.51 6.67 -22.23
N TYR A 96 -10.08 5.87 -21.25
CA TYR A 96 -8.69 5.91 -20.73
C TYR A 96 -8.03 4.57 -20.64
N SER A 97 -6.74 4.55 -20.96
CA SER A 97 -5.88 3.41 -20.67
C SER A 97 -4.90 3.77 -19.56
N LYS A 98 -4.09 2.80 -19.14
CA LYS A 98 -3.01 3.06 -18.20
C LYS A 98 -1.80 3.73 -18.84
N GLY A 99 -1.83 3.91 -20.16
CA GLY A 99 -0.82 4.72 -20.83
C GLY A 99 0.62 4.31 -20.55
N ILE A 100 1.45 5.26 -20.12
CA ILE A 100 2.87 4.97 -19.95
C ILE A 100 3.15 4.07 -18.74
N LEU A 101 2.14 3.87 -17.90
CA LEU A 101 2.31 3.00 -16.72
C LEU A 101 2.72 1.61 -17.16
N ALA A 102 2.15 1.15 -18.28
CA ALA A 102 2.48 -0.16 -18.82
C ALA A 102 3.94 -0.20 -19.27
N GLU A 103 4.40 0.88 -19.91
CA GLU A 103 5.78 0.95 -20.37
C GLU A 103 6.76 0.89 -19.20
N ILE A 104 6.41 1.56 -18.10
CA ILE A 104 7.24 1.54 -16.90
C ILE A 104 7.27 0.14 -16.28
N LEU A 105 6.12 -0.52 -16.24
CA LEU A 105 5.96 -1.73 -15.42
C LEU A 105 5.95 -3.07 -16.15
N ASP A 106 5.84 -3.04 -17.48
CA ASP A 106 5.69 -4.28 -18.25
C ASP A 106 6.78 -5.34 -17.99
N PHE A 107 8.02 -4.89 -17.81
CA PHE A 107 9.14 -5.81 -17.68
C PHE A 107 9.03 -6.69 -16.44
N VAL A 108 8.37 -6.20 -15.40
CA VAL A 108 8.22 -6.97 -14.16
C VAL A 108 6.80 -7.53 -13.96
N MET A 109 5.79 -6.72 -14.27
CA MET A 109 4.41 -7.13 -14.02
C MET A 109 3.76 -7.85 -15.19
N GLY A 110 4.41 -7.81 -16.35
CA GLY A 110 3.84 -8.37 -17.56
C GLY A 110 2.43 -7.86 -17.79
N LYS A 111 1.48 -8.78 -17.85
CA LYS A 111 0.08 -8.40 -18.05
C LYS A 111 -0.73 -8.62 -16.77
N GLY A 112 -0.09 -8.37 -15.62
CA GLY A 112 -0.79 -8.33 -14.34
C GLY A 112 -1.77 -7.17 -14.31
N LEU A 113 -2.57 -7.09 -13.24
CA LEU A 113 -3.73 -6.21 -13.21
C LEU A 113 -3.40 -4.72 -13.38
N ILE A 114 -2.34 -4.27 -12.74
CA ILE A 114 -2.03 -2.85 -12.70
C ILE A 114 -1.79 -2.21 -14.08
N PRO A 115 -0.87 -2.77 -14.90
CA PRO A 115 -0.65 -2.14 -16.21
C PRO A 115 -1.60 -2.63 -17.31
N ALA A 116 -2.45 -3.60 -17.00
CA ALA A 116 -3.35 -4.17 -18.00
C ALA A 116 -4.52 -3.27 -18.38
N ASP A 117 -5.08 -3.53 -19.57
CA ASP A 117 -6.29 -2.86 -20.02
C ASP A 117 -7.08 -3.84 -20.88
N GLY A 118 -8.32 -3.48 -21.21
CA GLY A 118 -9.12 -4.27 -22.13
C GLY A 118 -9.59 -5.59 -21.57
N GLU A 119 -9.72 -6.58 -22.44
CA GLU A 119 -10.27 -7.87 -22.03
C GLU A 119 -9.38 -8.67 -21.07
N ILE A 120 -8.08 -8.60 -21.25
CA ILE A 120 -7.15 -9.21 -20.30
C ILE A 120 -7.45 -8.68 -18.90
N TRP A 121 -7.50 -7.36 -18.77
CA TRP A 121 -7.81 -6.76 -17.47
C TRP A 121 -9.14 -7.28 -16.89
N ARG A 122 -10.20 -7.16 -17.67
CA ARG A 122 -11.54 -7.53 -17.22
C ARG A 122 -11.59 -8.98 -16.71
N ARG A 123 -11.01 -9.88 -17.49
CA ARG A 123 -11.04 -11.30 -17.16
C ARG A 123 -10.27 -11.59 -15.87
N ARG A 124 -9.09 -10.99 -15.72
CA ARG A 124 -8.26 -11.28 -14.56
C ARG A 124 -8.83 -10.64 -13.30
N ARG A 125 -9.36 -9.42 -13.43
CA ARG A 125 -10.02 -8.78 -12.29
C ARG A 125 -11.17 -9.66 -11.77
N ARG A 126 -11.99 -10.16 -12.68
CA ARG A 126 -13.09 -11.02 -12.31
C ARG A 126 -12.62 -12.31 -11.62
N ALA A 127 -11.45 -12.81 -12.01
CA ALA A 127 -10.93 -14.06 -11.45
C ALA A 127 -10.32 -13.89 -10.06
N ILE A 128 -9.71 -12.72 -9.85
CA ILE A 128 -8.88 -12.47 -8.67
C ILE A 128 -9.65 -11.88 -7.48
N VAL A 129 -10.51 -10.90 -7.74
CA VAL A 129 -11.30 -10.28 -6.67
C VAL A 129 -12.04 -11.26 -5.74
N PRO A 130 -12.64 -12.34 -6.29
CA PRO A 130 -13.31 -13.30 -5.41
C PRO A 130 -12.41 -13.91 -4.33
N ALA A 131 -11.10 -13.95 -4.54
CA ALA A 131 -10.18 -14.54 -3.59
C ALA A 131 -10.11 -13.72 -2.31
N LEU A 132 -10.32 -12.42 -2.43
CA LEU A 132 -10.22 -11.56 -1.27
C LEU A 132 -11.56 -11.40 -0.56
N HIS A 133 -12.17 -12.54 -0.23
CA HIS A 133 -13.46 -12.54 0.43
C HIS A 133 -13.35 -12.29 1.94
N GLN A 134 -14.49 -12.18 2.61
CA GLN A 134 -14.50 -11.82 4.03
C GLN A 134 -13.73 -12.81 4.89
N LYS A 135 -13.91 -14.10 4.61
CA LYS A 135 -13.22 -15.13 5.36
C LYS A 135 -11.70 -15.03 5.19
N TYR A 136 -11.27 -14.74 3.97
CA TYR A 136 -9.84 -14.61 3.70
C TYR A 136 -9.25 -13.41 4.44
N VAL A 137 -9.94 -12.27 4.36
CA VAL A 137 -9.43 -11.06 4.99
C VAL A 137 -9.34 -11.27 6.52
N ALA A 138 -10.32 -11.96 7.08
CA ALA A 138 -10.32 -12.26 8.51
C ALA A 138 -9.13 -13.12 8.89
N ALA A 139 -8.81 -14.11 8.05
CA ALA A 139 -7.65 -14.96 8.27
C ALA A 139 -6.35 -14.19 8.12
N MET A 140 -6.32 -13.22 7.22
CA MET A 140 -5.10 -12.45 7.03
C MET A 140 -4.81 -11.56 8.22
N ILE A 141 -5.85 -11.15 8.93
CA ILE A 141 -5.64 -10.37 10.15
C ILE A 141 -4.77 -11.13 11.16
N SER A 142 -4.96 -12.45 11.28
CA SER A 142 -4.04 -13.24 12.09
C SER A 142 -2.59 -13.16 11.62
N LEU A 143 -2.38 -13.21 10.31
CA LEU A 143 -1.05 -13.07 9.73
C LEU A 143 -0.47 -11.68 10.04
N PHE A 144 -1.29 -10.65 9.88
CA PHE A 144 -0.83 -9.29 10.17
C PHE A 144 -0.36 -9.19 11.62
N GLY A 145 -1.08 -9.83 12.55
CA GLY A 145 -0.71 -9.76 13.96
C GLY A 145 0.57 -10.53 14.28
N GLU A 146 0.71 -11.70 13.65
CA GLU A 146 1.89 -12.53 13.81
C GLU A 146 3.14 -11.81 13.33
N ALA A 147 3.06 -11.21 12.14
CA ALA A 147 4.19 -10.54 11.54
C ALA A 147 4.53 -9.27 12.30
N SER A 148 3.50 -8.54 12.70
CA SER A 148 3.73 -7.32 13.47
C SER A 148 4.39 -7.68 14.81
N ASP A 149 3.96 -8.78 15.42
CA ASP A 149 4.58 -9.20 16.68
C ASP A 149 6.06 -9.54 16.50
N ARG A 150 6.40 -10.15 15.37
CA ARG A 150 7.80 -10.42 15.03
C ARG A 150 8.62 -9.13 14.95
N LEU A 151 8.06 -8.10 14.33
CA LEU A 151 8.71 -6.80 14.33
C LEU A 151 8.83 -6.25 15.76
N CYS A 152 7.77 -6.41 16.54
CA CYS A 152 7.76 -5.92 17.91
C CYS A 152 8.90 -6.53 18.72
N GLN A 153 9.13 -7.83 18.51
CA GLN A 153 10.24 -8.51 19.17
C GLN A 153 11.58 -7.86 18.84
N LYS A 154 11.77 -7.47 17.58
CA LYS A 154 13.00 -6.79 17.16
C LYS A 154 13.13 -5.42 17.81
N LEU A 155 12.03 -4.68 17.82
CA LEU A 155 11.98 -3.36 18.46
C LEU A 155 12.23 -3.46 19.98
N ASP A 156 11.70 -4.51 20.59
CA ASP A 156 11.87 -4.70 22.03
C ASP A 156 13.35 -4.89 22.37
N ALA A 157 14.03 -5.73 21.59
CA ALA A 157 15.46 -5.97 21.78
C ALA A 157 16.25 -4.67 21.61
N ALA A 158 15.87 -3.88 20.60
CA ALA A 158 16.51 -2.60 20.38
C ALA A 158 16.31 -1.67 21.57
N ALA A 159 15.09 -1.62 22.06
CA ALA A 159 14.73 -0.72 23.15
C ALA A 159 15.54 -1.04 24.41
N LEU A 160 15.63 -2.33 24.73
CA LEU A 160 16.42 -2.77 25.89
C LEU A 160 17.89 -2.36 25.79
N LYS A 161 18.42 -2.33 24.57
CA LYS A 161 19.82 -1.93 24.37
C LYS A 161 20.02 -0.43 24.15
N GLY A 162 18.91 0.31 24.11
CA GLY A 162 18.97 1.73 23.85
C GLY A 162 19.39 2.06 22.42
N GLU A 163 19.18 1.10 21.51
CA GLU A 163 19.52 1.28 20.11
C GLU A 163 18.44 2.06 19.37
N GLU A 164 18.87 2.95 18.48
CA GLU A 164 17.96 3.63 17.58
C GLU A 164 17.63 2.70 16.42
N VAL A 165 16.50 2.94 15.77
CA VAL A 165 16.06 2.04 14.70
C VAL A 165 15.69 2.85 13.46
N GLU A 166 15.98 2.28 12.29
CA GLU A 166 15.62 2.93 11.03
C GLU A 166 14.33 2.24 10.57
N MET A 167 13.22 2.92 10.80
CA MET A 167 11.90 2.29 10.72
C MET A 167 11.44 2.04 9.28
N GLU A 168 11.92 2.80 8.30
CA GLU A 168 11.43 2.60 6.94
C GLU A 168 11.85 1.23 6.44
N SER A 169 13.11 0.87 6.67
CA SER A 169 13.61 -0.45 6.28
CA SER A 169 13.60 -0.45 6.26
C SER A 169 12.86 -1.56 7.01
N LEU A 170 12.62 -1.36 8.31
CA LEU A 170 11.91 -2.34 9.12
C LEU A 170 10.48 -2.53 8.62
N PHE A 171 9.80 -1.43 8.27
CA PHE A 171 8.44 -1.55 7.77
C PHE A 171 8.42 -2.23 6.40
N SER A 172 9.41 -1.93 5.57
CA SER A 172 9.54 -2.57 4.28
C SER A 172 9.69 -4.09 4.43
N ARG A 173 10.47 -4.51 5.40
CA ARG A 173 10.64 -5.95 5.68
C ARG A 173 9.35 -6.57 6.21
N LEU A 174 8.69 -5.89 7.14
CA LEU A 174 7.42 -6.37 7.69
C LEU A 174 6.39 -6.60 6.58
N THR A 175 6.24 -5.61 5.69
CA THR A 175 5.19 -5.67 4.68
C THR A 175 5.52 -6.69 3.58
N LEU A 176 6.81 -6.87 3.32
CA LEU A 176 7.23 -7.91 2.37
C LEU A 176 6.90 -9.30 2.93
N ASP A 177 7.21 -9.51 4.21
CA ASP A 177 6.90 -10.78 4.84
C ASP A 177 5.40 -11.06 4.82
N ILE A 178 4.60 -10.04 5.08
CA ILE A 178 3.15 -10.21 5.05
C ILE A 178 2.65 -10.54 3.65
N ILE A 179 3.08 -9.76 2.66
CA ILE A 179 2.48 -9.93 1.35
C ILE A 179 2.87 -11.26 0.70
N GLY A 180 4.09 -11.74 0.95
CA GLY A 180 4.52 -13.00 0.35
C GLY A 180 3.72 -14.16 0.86
N LYS A 181 3.41 -14.13 2.15
CA LYS A 181 2.65 -15.20 2.78
C LYS A 181 1.18 -15.13 2.34
N ALA A 182 0.65 -13.91 2.29
CA ALA A 182 -0.76 -13.71 1.95
C ALA A 182 -1.06 -14.06 0.51
N VAL A 183 -0.14 -13.74 -0.39
CA VAL A 183 -0.41 -13.89 -1.82
C VAL A 183 -0.07 -15.29 -2.33
N PHE A 184 1.10 -15.81 -1.98
CA PHE A 184 1.52 -17.09 -2.52
C PHE A 184 2.18 -18.07 -1.54
N ASN A 185 1.83 -17.93 -0.26
CA ASN A 185 2.26 -18.88 0.78
C ASN A 185 3.78 -19.03 0.93
N TYR A 186 4.50 -17.94 0.72
CA TYR A 186 5.95 -17.98 0.86
C TYR A 186 6.35 -17.18 2.09
N ASP A 187 7.35 -17.68 2.83
CA ASP A 187 7.86 -16.93 3.97
C ASP A 187 9.22 -16.33 3.61
N PHE A 188 9.23 -15.04 3.30
CA PHE A 188 10.49 -14.37 2.99
C PHE A 188 11.37 -14.30 4.23
N ASP A 189 10.72 -14.20 5.40
CA ASP A 189 11.40 -13.91 6.67
C ASP A 189 12.46 -12.81 6.53
N SER A 190 12.12 -11.75 5.79
CA SER A 190 13.04 -10.64 5.59
C SER A 190 13.21 -9.80 6.86
N LEU A 191 12.30 -9.96 7.83
CA LEU A 191 12.46 -9.31 9.12
C LEU A 191 13.68 -9.85 9.84
N THR A 192 14.03 -11.10 9.56
CA THR A 192 15.11 -11.76 10.26
C THR A 192 16.40 -11.84 9.45
N ASN A 193 16.27 -12.15 8.16
CA ASN A 193 17.43 -12.46 7.33
C ASN A 193 17.44 -11.74 5.99
N ASP A 194 18.64 -11.65 5.40
CA ASP A 194 18.78 -11.26 4.00
C ASP A 194 18.97 -12.55 3.19
N THR A 195 18.30 -12.64 2.05
CA THR A 195 18.46 -13.78 1.15
C THR A 195 18.57 -13.30 -0.29
N GLY A 196 18.89 -14.20 -1.21
CA GLY A 196 18.99 -13.88 -2.61
C GLY A 196 17.65 -13.48 -3.20
N VAL A 197 16.59 -14.17 -2.76
CA VAL A 197 15.24 -13.87 -3.24
C VAL A 197 14.83 -12.48 -2.79
N ILE A 198 15.13 -12.14 -1.55
CA ILE A 198 14.79 -10.82 -1.01
C ILE A 198 15.53 -9.73 -1.78
N GLU A 199 16.84 -9.90 -1.98
CA GLU A 199 17.64 -8.94 -2.72
C GLU A 199 17.13 -8.80 -4.15
N ALA A 200 16.61 -9.89 -4.71
CA ALA A 200 16.04 -9.86 -6.05
C ALA A 200 14.79 -8.98 -6.11
N VAL A 201 13.95 -9.08 -5.09
CA VAL A 201 12.73 -8.27 -5.05
C VAL A 201 13.08 -6.78 -5.00
N TYR A 202 14.03 -6.43 -4.15
CA TYR A 202 14.42 -5.02 -4.02
C TYR A 202 15.09 -4.49 -5.27
N THR A 203 15.87 -5.35 -5.93
CA THR A 203 16.53 -4.97 -7.18
C THR A 203 15.50 -4.64 -8.24
N VAL A 204 14.53 -5.53 -8.40
CA VAL A 204 13.47 -5.37 -9.38
C VAL A 204 12.63 -4.12 -9.06
N LEU A 205 12.38 -3.90 -7.77
CA LEU A 205 11.71 -2.69 -7.29
C LEU A 205 12.43 -1.42 -7.73
N ARG A 206 13.71 -1.32 -7.38
CA ARG A 206 14.50 -0.14 -7.70
C ARG A 206 14.54 0.12 -9.21
N GLU A 207 14.57 -0.95 -9.99
CA GLU A 207 14.62 -0.82 -11.45
C GLU A 207 13.30 -0.31 -12.01
N ALA A 208 12.19 -0.82 -11.47
CA ALA A 208 10.87 -0.37 -11.87
C ALA A 208 10.74 1.13 -11.68
N GLU A 209 11.17 1.61 -10.52
CA GLU A 209 11.11 3.03 -10.20
C GLU A 209 12.10 3.87 -11.00
N ASP A 210 13.27 3.29 -11.33
CA ASP A 210 14.23 4.01 -12.15
C ASP A 210 13.65 4.30 -13.53
N ARG A 211 12.72 3.46 -13.96
CA ARG A 211 12.01 3.69 -15.22
C ARG A 211 10.83 4.64 -15.02
N SER A 212 10.42 4.84 -13.77
CA SER A 212 9.34 5.77 -13.47
C SER A 212 9.79 7.22 -13.69
N PRO A 229 25.42 -4.61 -17.08
CA PRO A 229 25.77 -4.70 -15.65
C PRO A 229 24.52 -4.74 -14.79
N ARG A 230 23.92 -3.57 -14.58
CA ARG A 230 22.67 -3.46 -13.84
C ARG A 230 21.55 -4.16 -14.60
N GLN A 231 21.61 -4.11 -15.93
CA GLN A 231 20.61 -4.77 -16.76
C GLN A 231 20.66 -6.28 -16.57
N ARG A 232 21.85 -6.81 -16.35
CA ARG A 232 22.04 -8.23 -16.12
C ARG A 232 21.59 -8.63 -14.72
N LYS A 233 21.87 -7.74 -13.76
CA LYS A 233 21.45 -7.94 -12.37
C LYS A 233 19.92 -8.02 -12.29
N VAL A 234 19.26 -7.14 -13.04
CA VAL A 234 17.80 -7.12 -13.09
C VAL A 234 17.26 -8.40 -13.74
N ALA A 235 17.84 -8.78 -14.87
CA ALA A 235 17.46 -10.01 -15.56
C ALA A 235 17.60 -11.24 -14.66
N THR A 236 18.71 -11.31 -13.92
CA THR A 236 18.94 -12.41 -13.00
C THR A 236 17.93 -12.43 -11.85
N SER A 237 17.65 -11.24 -11.31
CA SER A 237 16.71 -11.10 -10.21
C SER A 237 15.32 -11.55 -10.61
N LEU A 238 14.89 -11.12 -11.81
CA LEU A 238 13.61 -11.51 -12.36
C LEU A 238 13.50 -13.03 -12.50
N LYS A 239 14.59 -13.65 -12.96
CA LYS A 239 14.62 -15.09 -13.14
C LYS A 239 14.44 -15.81 -11.81
N LEU A 240 15.18 -15.36 -10.81
CA LEU A 240 15.14 -15.96 -9.48
C LEU A 240 13.73 -15.88 -8.86
N ILE A 241 13.08 -14.73 -9.01
CA ILE A 241 11.72 -14.57 -8.50
C ILE A 241 10.74 -15.45 -9.25
N ASN A 242 10.85 -15.46 -10.57
CA ASN A 242 9.96 -16.28 -11.39
C ASN A 242 10.13 -17.77 -11.14
N ASP A 243 11.37 -18.19 -10.92
CA ASP A 243 11.65 -19.60 -10.62
C ASP A 243 11.05 -19.96 -9.26
N THR A 244 11.16 -19.03 -8.31
CA THR A 244 10.59 -19.24 -6.98
C THR A 244 9.06 -19.34 -7.06
N LEU A 245 8.45 -18.47 -7.87
CA LEU A 245 7.00 -18.51 -8.07
C LEU A 245 6.58 -19.82 -8.72
N ASP A 246 7.37 -20.29 -9.67
CA ASP A 246 7.10 -21.58 -10.31
C ASP A 246 7.07 -22.72 -9.30
N ASP A 247 8.05 -22.76 -8.40
CA ASP A 247 8.12 -23.80 -7.38
C ASP A 247 6.88 -23.76 -6.47
N LEU A 248 6.48 -22.54 -6.09
CA LEU A 248 5.32 -22.34 -5.24
C LEU A 248 4.04 -22.78 -5.92
N ILE A 249 3.91 -22.48 -7.20
CA ILE A 249 2.72 -22.83 -7.97
C ILE A 249 2.62 -24.36 -8.08
N ALA A 250 3.75 -24.99 -8.35
CA ALA A 250 3.82 -26.45 -8.43
C ALA A 250 3.39 -27.10 -7.11
N THR A 251 3.95 -26.62 -6.00
CA THR A 251 3.60 -27.15 -4.69
C THR A 251 2.12 -26.98 -4.40
N CYS A 252 1.57 -25.83 -4.75
CA CYS A 252 0.16 -25.55 -4.49
C CYS A 252 -0.73 -26.45 -5.34
N LYS A 253 -0.32 -26.69 -6.58
CA LYS A 253 -1.08 -27.53 -7.50
C LYS A 253 -1.23 -28.93 -6.92
N ARG A 254 -0.12 -29.49 -6.43
CA ARG A 254 -0.16 -30.81 -5.80
C ARG A 254 -1.08 -30.81 -4.58
N MET A 255 -1.00 -29.74 -3.78
CA MET A 255 -1.81 -29.66 -2.57
C MET A 255 -3.30 -29.62 -2.93
N VAL A 256 -3.66 -28.87 -3.96
CA VAL A 256 -5.05 -28.80 -4.41
C VAL A 256 -5.52 -30.17 -4.92
N GLU A 257 -4.64 -30.83 -5.65
CA GLU A 257 -4.92 -32.16 -6.22
C GLU A 257 -5.28 -33.16 -5.12
N GLU A 258 -4.64 -33.02 -3.97
CA GLU A 258 -4.77 -34.01 -2.90
C GLU A 258 -5.78 -33.63 -1.82
N GLU A 259 -6.22 -32.37 -1.82
CA GLU A 259 -7.15 -31.88 -0.81
C GLU A 259 -8.57 -32.38 -1.05
N GLU A 260 -9.45 -32.23 -0.06
CA GLU A 260 -10.83 -32.66 -0.20
C GLU A 260 -11.78 -31.55 0.22
N LEU A 261 -11.85 -30.51 -0.60
CA LEU A 261 -12.70 -29.36 -0.34
C LEU A 261 -13.44 -28.97 -1.61
N GLN A 262 -14.74 -28.71 -1.48
CA GLN A 262 -15.52 -28.22 -2.62
C GLN A 262 -15.30 -26.71 -2.75
N PHE A 263 -14.96 -26.27 -3.96
CA PHE A 263 -14.78 -24.85 -4.20
C PHE A 263 -16.10 -24.10 -4.25
N HIS A 264 -16.12 -22.93 -3.63
CA HIS A 264 -17.28 -22.04 -3.67
C HIS A 264 -16.82 -20.60 -3.46
N GLU A 265 -17.77 -19.68 -3.37
CA GLU A 265 -17.44 -18.25 -3.30
C GLU A 265 -16.62 -17.90 -2.06
N GLU A 266 -16.81 -18.65 -0.97
CA GLU A 266 -16.07 -18.37 0.26
C GLU A 266 -15.05 -19.46 0.55
N TYR A 267 -14.58 -20.13 -0.50
CA TYR A 267 -13.58 -21.19 -0.36
C TYR A 267 -12.28 -20.68 0.24
N MET A 268 -11.77 -21.38 1.24
CA MET A 268 -10.34 -21.32 1.55
C MET A 268 -9.82 -22.51 2.35
N ASN A 269 -8.68 -23.04 1.89
CA ASN A 269 -8.01 -24.11 2.59
C ASN A 269 -7.32 -23.51 3.80
N GLU A 270 -7.73 -23.94 5.00
CA GLU A 270 -7.19 -23.37 6.24
C GLU A 270 -5.69 -23.55 6.40
N ARG A 271 -5.13 -24.57 5.75
CA ARG A 271 -3.69 -24.83 5.85
C ARG A 271 -2.88 -23.98 4.88
N ASP A 272 -3.53 -23.49 3.83
CA ASP A 272 -2.89 -22.58 2.86
C ASP A 272 -3.93 -21.58 2.36
N PRO A 273 -4.15 -20.52 3.14
CA PRO A 273 -5.22 -19.58 2.78
C PRO A 273 -4.83 -18.57 1.72
N SER A 274 -3.73 -18.81 1.02
CA SER A 274 -3.20 -17.81 0.09
C SER A 274 -4.09 -17.56 -1.12
N ILE A 275 -3.99 -16.37 -1.69
CA ILE A 275 -4.71 -16.04 -2.91
C ILE A 275 -4.37 -17.04 -4.03
N LEU A 276 -3.10 -17.41 -4.12
CA LEU A 276 -2.66 -18.40 -5.09
C LEU A 276 -3.43 -19.71 -4.95
N HIS A 277 -3.66 -20.13 -3.72
CA HIS A 277 -4.36 -21.40 -3.49
C HIS A 277 -5.81 -21.28 -3.95
N PHE A 278 -6.44 -20.13 -3.66
CA PHE A 278 -7.81 -19.89 -4.10
C PHE A 278 -7.89 -19.92 -5.62
N LEU A 279 -6.98 -19.22 -6.29
CA LEU A 279 -6.95 -19.22 -7.74
C LEU A 279 -6.83 -20.63 -8.32
N LEU A 280 -5.96 -21.46 -7.72
CA LEU A 280 -5.78 -22.81 -8.25
C LEU A 280 -6.98 -23.72 -7.97
N ALA A 281 -7.60 -23.56 -6.81
CA ALA A 281 -8.78 -24.36 -6.48
C ALA A 281 -10.02 -23.94 -7.28
N SER A 282 -10.03 -22.70 -7.76
CA SER A 282 -11.16 -22.17 -8.51
C SER A 282 -11.31 -22.82 -9.87
N GLY A 283 -10.23 -23.43 -10.36
CA GLY A 283 -10.19 -23.96 -11.70
C GLY A 283 -9.81 -22.85 -12.66
N ASP A 284 -8.88 -22.00 -12.22
CA ASP A 284 -8.46 -20.83 -12.98
C ASP A 284 -7.91 -21.19 -14.35
N ASP A 285 -8.61 -20.78 -15.40
CA ASP A 285 -8.16 -21.02 -16.76
C ASP A 285 -7.13 -19.98 -17.18
N VAL A 286 -5.87 -20.23 -16.85
CA VAL A 286 -4.79 -19.30 -17.19
C VAL A 286 -3.46 -19.98 -17.48
N SER A 287 -2.61 -19.30 -18.22
CA SER A 287 -1.26 -19.76 -18.50
C SER A 287 -0.39 -19.57 -17.28
N SER A 288 0.72 -20.30 -17.22
CA SER A 288 1.67 -20.14 -16.13
C SER A 288 2.28 -18.74 -16.14
N LYS A 289 2.50 -18.21 -17.34
CA LYS A 289 3.04 -16.86 -17.50
C LYS A 289 2.10 -15.82 -16.90
N GLN A 290 0.83 -15.91 -17.25
CA GLN A 290 -0.17 -15.00 -16.71
C GLN A 290 -0.29 -15.11 -15.19
N LEU A 291 -0.31 -16.34 -14.67
CA LEU A 291 -0.41 -16.55 -13.22
C LEU A 291 0.77 -15.92 -12.47
N ARG A 292 1.99 -16.14 -12.97
CA ARG A 292 3.18 -15.57 -12.36
C ARG A 292 3.10 -14.05 -12.38
N ASP A 293 2.67 -13.50 -13.50
CA ASP A 293 2.54 -12.05 -13.63
C ASP A 293 1.52 -11.51 -12.62
N ASP A 294 0.42 -12.23 -12.44
CA ASP A 294 -0.61 -11.82 -11.49
C ASP A 294 -0.08 -11.83 -10.06
N LEU A 295 0.66 -12.87 -9.72
CA LEU A 295 1.29 -12.97 -8.39
C LEU A 295 2.35 -11.89 -8.16
N MET A 296 3.21 -11.70 -9.15
CA MET A 296 4.24 -10.66 -9.08
C MET A 296 3.63 -9.28 -8.91
N THR A 297 2.52 -9.05 -9.61
CA THR A 297 1.82 -7.76 -9.55
C THR A 297 1.30 -7.50 -8.14
N MET A 298 0.66 -8.51 -7.54
CA MET A 298 0.13 -8.32 -6.20
C MET A 298 1.24 -8.17 -5.16
N LEU A 299 2.36 -8.87 -5.39
CA LEU A 299 3.54 -8.72 -4.54
C LEU A 299 4.01 -7.26 -4.53
N ILE A 300 4.18 -6.68 -5.71
CA ILE A 300 4.63 -5.30 -5.80
C ILE A 300 3.57 -4.34 -5.26
N ALA A 301 2.32 -4.58 -5.64
CA ALA A 301 1.22 -3.72 -5.23
C ALA A 301 1.03 -3.59 -3.72
N GLY A 302 1.24 -4.68 -2.98
CA GLY A 302 0.94 -4.68 -1.57
C GLY A 302 2.15 -4.60 -0.64
N HIS A 303 3.34 -4.42 -1.22
CA HIS A 303 4.57 -4.37 -0.43
C HIS A 303 4.94 -2.94 -0.03
N GLU A 304 5.57 -2.18 -0.94
CA GLU A 304 6.11 -0.87 -0.55
C GLU A 304 5.05 0.19 -0.27
N THR A 305 3.85 -0.01 -0.80
CA THR A 305 2.72 0.85 -0.47
C THR A 305 2.49 0.91 1.06
N SER A 306 2.25 -0.24 1.68
CA SER A 306 2.04 -0.25 3.13
C SER A 306 3.31 0.11 3.89
N ALA A 307 4.46 -0.26 3.34
CA ALA A 307 5.72 0.12 3.98
C ALA A 307 5.80 1.66 4.10
N ALA A 308 5.40 2.36 3.04
CA ALA A 308 5.41 3.82 3.08
C ALA A 308 4.30 4.38 3.98
N VAL A 309 3.12 3.74 3.95
CA VAL A 309 2.04 4.18 4.83
C VAL A 309 2.48 4.14 6.29
N LEU A 310 3.10 3.03 6.70
CA LEU A 310 3.56 2.90 8.08
C LEU A 310 4.67 3.90 8.38
N THR A 311 5.59 4.07 7.44
CA THR A 311 6.71 5.00 7.63
C THR A 311 6.21 6.42 7.87
N TRP A 312 5.33 6.88 6.98
CA TRP A 312 4.79 8.23 7.09
C TRP A 312 3.86 8.40 8.29
N THR A 313 3.15 7.34 8.66
CA THR A 313 2.32 7.41 9.85
C THR A 313 3.16 7.67 11.07
N PHE A 314 4.26 6.92 11.20
CA PHE A 314 5.12 7.10 12.35
C PHE A 314 5.88 8.42 12.34
N TYR A 315 6.25 8.89 11.16
CA TYR A 315 6.80 10.23 11.06
C TYR A 315 5.79 11.24 11.60
N LEU A 316 4.57 11.16 11.11
CA LEU A 316 3.51 12.07 11.53
C LEU A 316 3.20 12.03 13.02
N LEU A 317 3.22 10.82 13.61
CA LEU A 317 3.01 10.71 15.04
C LEU A 317 4.07 11.51 15.84
N THR A 318 5.30 11.55 15.35
CA THR A 318 6.32 12.34 16.05
C THR A 318 6.02 13.84 16.01
N THR A 319 5.20 14.28 15.07
CA THR A 319 4.88 15.70 14.96
C THR A 319 3.73 16.17 15.84
N GLU A 320 2.94 15.24 16.36
CA GLU A 320 1.78 15.61 17.16
C GLU A 320 1.60 14.70 18.38
N PRO A 321 2.25 15.06 19.50
CA PRO A 321 2.16 14.28 20.74
C PRO A 321 0.72 14.07 21.21
N SER A 322 -0.16 15.03 20.95
CA SER A 322 -1.54 14.89 21.38
C SER A 322 -2.24 13.75 20.65
N VAL A 323 -1.86 13.51 19.40
CA VAL A 323 -2.41 12.40 18.63
C VAL A 323 -1.91 11.06 19.17
N VAL A 324 -0.62 10.99 19.47
CA VAL A 324 -0.04 9.81 20.09
C VAL A 324 -0.75 9.48 21.40
N ALA A 325 -1.00 10.49 22.21
CA ALA A 325 -1.65 10.27 23.51
C ALA A 325 -3.05 9.67 23.33
N LYS A 326 -3.78 10.18 22.34
CA LYS A 326 -5.12 9.73 22.07
C LYS A 326 -5.12 8.31 21.47
N LEU A 327 -4.12 8.03 20.63
CA LEU A 327 -3.95 6.70 20.04
C LEU A 327 -3.60 5.65 21.12
N GLN A 328 -2.66 5.98 22.00
CA GLN A 328 -2.29 5.09 23.10
C GLN A 328 -3.49 4.76 23.96
N GLU A 329 -4.30 5.79 24.24
CA GLU A 329 -5.50 5.61 25.05
C GLU A 329 -6.44 4.57 24.44
N GLU A 330 -6.69 4.69 23.14
CA GLU A 330 -7.52 3.73 22.44
C GLU A 330 -6.93 2.33 22.40
N VAL A 331 -5.65 2.21 22.05
CA VAL A 331 -5.04 0.89 21.92
CA VAL A 331 -5.09 0.86 21.91
C VAL A 331 -5.03 0.15 23.26
N ASP A 332 -4.63 0.87 24.30
CA ASP A 332 -4.56 0.29 25.66
C ASP A 332 -5.93 -0.21 26.07
N SER A 333 -6.96 0.56 25.73
CA SER A 333 -8.32 0.25 26.12
C SER A 333 -8.90 -0.89 25.31
N VAL A 334 -8.71 -0.86 24.00
CA VAL A 334 -9.38 -1.81 23.11
C VAL A 334 -8.67 -3.16 22.96
N ILE A 335 -7.35 -3.15 22.80
CA ILE A 335 -6.65 -4.40 22.53
C ILE A 335 -5.61 -4.81 23.58
N GLY A 336 -5.10 -3.83 24.35
CA GLY A 336 -3.99 -4.08 25.26
C GLY A 336 -2.91 -4.85 24.54
N ASP A 337 -2.51 -6.01 25.08
CA ASP A 337 -1.48 -6.82 24.44
C ASP A 337 -1.97 -7.83 23.39
N ARG A 338 -3.25 -7.79 23.07
CA ARG A 338 -3.83 -8.76 22.13
C ARG A 338 -3.36 -8.60 20.69
N PHE A 339 -3.27 -9.71 19.97
CA PHE A 339 -3.33 -9.65 18.51
C PHE A 339 -4.74 -9.21 18.15
N PRO A 340 -4.86 -8.13 17.35
CA PRO A 340 -6.20 -7.73 16.93
C PRO A 340 -6.92 -8.80 16.12
N THR A 341 -8.24 -8.75 16.17
CA THR A 341 -9.08 -9.63 15.38
C THR A 341 -9.93 -8.81 14.43
N ILE A 342 -10.71 -9.49 13.59
CA ILE A 342 -11.60 -8.78 12.69
C ILE A 342 -12.58 -7.90 13.47
N GLN A 343 -13.03 -8.38 14.63
CA GLN A 343 -13.94 -7.60 15.47
C GLN A 343 -13.33 -6.30 16.00
N ASP A 344 -12.01 -6.27 16.14
CA ASP A 344 -11.34 -5.08 16.67
C ASP A 344 -11.25 -3.99 15.62
N MET A 345 -11.41 -4.36 14.36
CA MET A 345 -11.20 -3.39 13.28
C MET A 345 -12.18 -2.23 13.38
N LYS A 346 -13.40 -2.52 13.80
CA LYS A 346 -14.40 -1.46 13.93
C LYS A 346 -14.27 -0.69 15.24
N LYS A 347 -13.65 -1.30 16.24
CA LYS A 347 -13.44 -0.64 17.52
C LYS A 347 -12.20 0.27 17.53
N LEU A 348 -11.26 -0.01 16.64
CA LEU A 348 -10.02 0.78 16.58
C LEU A 348 -10.22 2.02 15.71
N LYS A 349 -11.16 2.84 16.12
CA LYS A 349 -11.62 3.98 15.33
C LYS A 349 -10.56 5.04 15.13
N TYR A 350 -9.89 5.43 16.21
CA TYR A 350 -8.89 6.48 16.14
C TYR A 350 -7.67 5.97 15.36
N THR A 351 -7.31 4.71 15.56
CA THR A 351 -6.21 4.10 14.81
C THR A 351 -6.50 4.19 13.32
N THR A 352 -7.74 3.87 12.94
CA THR A 352 -8.19 3.94 11.55
C THR A 352 -8.06 5.36 11.02
N ARG A 353 -8.50 6.34 11.82
CA ARG A 353 -8.41 7.75 11.41
C ARG A 353 -6.96 8.24 11.22
N VAL A 354 -6.07 7.76 12.09
CA VAL A 354 -4.65 8.04 11.98
C VAL A 354 -4.12 7.54 10.64
N MET A 355 -4.46 6.30 10.31
CA MET A 355 -4.10 5.75 9.02
C MET A 355 -4.75 6.54 7.86
N ASN A 356 -6.03 6.88 8.01
CA ASN A 356 -6.75 7.62 6.96
C ASN A 356 -5.99 8.91 6.68
N GLU A 357 -5.61 9.58 7.76
CA GLU A 357 -4.95 10.90 7.64
C GLU A 357 -3.53 10.78 7.09
N SER A 358 -2.82 9.72 7.47
CA SER A 358 -1.51 9.47 6.91
C SER A 358 -1.59 9.31 5.39
N LEU A 359 -2.56 8.54 4.92
CA LEU A 359 -2.72 8.34 3.47
C LEU A 359 -3.14 9.63 2.77
N ARG A 360 -3.88 10.48 3.47
CA ARG A 360 -4.21 11.77 2.85
C ARG A 360 -2.94 12.58 2.65
N LEU A 361 -2.11 12.64 3.69
CA LEU A 361 -0.92 13.50 3.62
C LEU A 361 0.19 12.93 2.74
N TYR A 362 0.26 11.60 2.69
CA TYR A 362 1.30 10.91 1.92
C TYR A 362 0.69 9.78 1.11
N PRO A 363 0.07 10.13 -0.03
CA PRO A 363 -0.59 9.10 -0.84
C PRO A 363 0.40 8.20 -1.54
N GLN A 364 -0.03 6.96 -1.76
CA GLN A 364 0.81 5.93 -2.38
C GLN A 364 0.01 5.30 -3.51
N PRO A 365 0.29 5.67 -4.76
CA PRO A 365 1.28 6.64 -5.23
C PRO A 365 0.75 8.06 -5.15
N PRO A 366 1.64 9.03 -5.26
CA PRO A 366 1.19 10.43 -5.25
C PRO A 366 0.60 10.87 -6.59
N VAL A 367 0.79 10.06 -7.62
CA VAL A 367 0.24 10.38 -8.95
CA VAL A 367 0.27 10.38 -8.95
C VAL A 367 -0.33 9.13 -9.59
N LEU A 368 -1.49 9.28 -10.23
CA LEU A 368 -2.11 8.18 -10.98
C LEU A 368 -1.92 8.50 -12.45
N ILE A 369 -1.65 7.48 -13.25
CA ILE A 369 -1.31 7.70 -14.66
C ILE A 369 -2.38 7.14 -15.58
N ARG A 370 -2.79 7.94 -16.58
CA ARG A 370 -3.73 7.48 -17.61
C ARG A 370 -3.30 8.03 -18.95
N ARG A 371 -3.93 7.53 -20.02
CA ARG A 371 -3.78 8.13 -21.33
C ARG A 371 -5.14 8.11 -22.00
N SER A 372 -5.54 9.20 -22.65
CA SER A 372 -6.81 9.15 -23.38
C SER A 372 -6.69 8.23 -24.60
N ILE A 373 -7.75 7.44 -24.84
CA ILE A 373 -7.82 6.65 -26.05
C ILE A 373 -8.99 7.08 -26.94
N ASP A 374 -9.69 8.13 -26.52
CA ASP A 374 -10.79 8.71 -27.31
C ASP A 374 -10.80 10.19 -27.01
N ASN A 375 -11.61 10.95 -27.77
CA ASN A 375 -11.84 12.35 -27.45
C ASN A 375 -12.56 12.44 -26.12
N ASP A 376 -12.39 13.56 -25.41
CA ASP A 376 -13.11 13.76 -24.16
C ASP A 376 -13.11 15.26 -23.89
N ILE A 377 -13.78 15.67 -22.82
CA ILE A 377 -13.69 17.04 -22.33
C ILE A 377 -13.28 16.96 -20.87
N LEU A 378 -12.22 17.68 -20.51
CA LEU A 378 -11.74 17.71 -19.13
C LEU A 378 -11.93 19.11 -18.60
N GLY A 379 -12.84 19.27 -17.64
CA GLY A 379 -13.25 20.59 -17.23
C GLY A 379 -13.93 21.28 -18.40
N GLU A 380 -13.39 22.43 -18.81
CA GLU A 380 -13.94 23.09 -19.99
C GLU A 380 -13.17 22.72 -21.27
N TYR A 381 -12.13 21.92 -21.13
CA TYR A 381 -11.15 21.75 -22.21
C TYR A 381 -11.32 20.47 -23.01
N PRO A 382 -11.59 20.59 -24.32
CA PRO A 382 -11.70 19.38 -25.14
C PRO A 382 -10.31 18.76 -25.34
N ILE A 383 -10.23 17.43 -25.30
CA ILE A 383 -8.97 16.77 -25.61
C ILE A 383 -9.16 15.68 -26.64
N LYS A 384 -8.07 15.33 -27.32
CA LYS A 384 -8.08 14.23 -28.27
C LYS A 384 -7.51 12.99 -27.59
N ARG A 385 -7.59 11.86 -28.29
CA ARG A 385 -6.87 10.66 -27.87
C ARG A 385 -5.37 10.95 -27.85
N GLY A 386 -4.66 10.25 -26.97
CA GLY A 386 -3.21 10.32 -26.98
C GLY A 386 -2.63 11.22 -25.90
N GLU A 387 -3.48 11.83 -25.07
CA GLU A 387 -2.97 12.68 -24.01
C GLU A 387 -2.51 11.84 -22.84
N ASP A 388 -1.26 12.04 -22.40
CA ASP A 388 -0.76 11.40 -21.20
C ASP A 388 -1.15 12.26 -20.02
N ILE A 389 -1.77 11.65 -19.03
CA ILE A 389 -2.39 12.38 -17.96
C ILE A 389 -1.85 11.91 -16.62
N PHE A 390 -1.42 12.86 -15.82
CA PHE A 390 -1.04 12.59 -14.45
C PHE A 390 -2.08 13.21 -13.50
N ILE A 391 -2.78 12.37 -12.75
CA ILE A 391 -3.70 12.89 -11.74
C ILE A 391 -2.90 13.02 -10.46
N SER A 392 -2.80 14.23 -9.93
CA SER A 392 -2.00 14.44 -8.75
C SER A 392 -2.81 14.20 -7.49
N VAL A 393 -2.66 13.00 -6.93
CA VAL A 393 -3.36 12.65 -5.71
C VAL A 393 -2.83 13.53 -4.58
N TRP A 394 -1.54 13.81 -4.60
CA TRP A 394 -0.94 14.76 -3.66
C TRP A 394 -1.73 16.09 -3.66
N ASN A 395 -1.93 16.66 -4.84
CA ASN A 395 -2.67 17.92 -4.94
C ASN A 395 -4.13 17.81 -4.48
N LEU A 396 -4.80 16.73 -4.89
CA LEU A 396 -6.18 16.49 -4.48
C LEU A 396 -6.28 16.41 -2.96
N HIS A 397 -5.36 15.69 -2.36
CA HIS A 397 -5.36 15.46 -0.93
C HIS A 397 -4.99 16.68 -0.11
N ARG A 398 -4.28 17.63 -0.72
CA ARG A 398 -3.76 18.75 0.06
C ARG A 398 -4.32 20.08 -0.44
N SER A 399 -5.31 19.99 -1.34
CA SER A 399 -5.93 21.17 -1.93
C SER A 399 -6.54 22.11 -0.89
N PRO A 400 -6.05 23.35 -0.81
CA PRO A 400 -6.55 24.30 0.21
C PRO A 400 -8.06 24.54 0.09
N LEU A 401 -8.58 24.45 -1.14
CA LEU A 401 -10.00 24.65 -1.38
C LEU A 401 -10.89 23.59 -0.75
N HIS A 402 -10.38 22.36 -0.62
CA HIS A 402 -11.22 21.24 -0.22
C HIS A 402 -10.90 20.69 1.16
N TRP A 403 -9.82 21.17 1.75
CA TRP A 403 -9.42 20.72 3.07
C TRP A 403 -9.07 21.89 3.99
N ASP A 404 -9.66 21.90 5.18
CA ASP A 404 -9.31 22.90 6.19
C ASP A 404 -7.98 22.56 6.83
N ASP A 405 -7.07 23.54 6.87
CA ASP A 405 -5.76 23.34 7.47
C ASP A 405 -5.11 22.12 6.82
N ALA A 406 -5.02 22.15 5.50
CA ALA A 406 -4.66 20.95 4.72
C ALA A 406 -3.31 20.33 5.08
N GLU A 407 -2.38 21.13 5.60
CA GLU A 407 -1.06 20.62 5.94
C GLU A 407 -0.98 20.06 7.36
N LYS A 408 -2.04 20.25 8.13
CA LYS A 408 -2.05 19.77 9.49
C LYS A 408 -2.40 18.28 9.55
N PHE A 409 -1.68 17.56 10.41
CA PHE A 409 -1.98 16.16 10.74
C PHE A 409 -3.11 16.14 11.77
N ASN A 410 -4.32 15.94 11.28
CA ASN A 410 -5.50 15.95 12.13
C ASN A 410 -6.41 14.78 11.82
N PRO A 411 -6.19 13.65 12.51
CA PRO A 411 -6.99 12.44 12.29
C PRO A 411 -8.49 12.68 12.44
N GLU A 412 -8.86 13.65 13.27
CA GLU A 412 -10.28 13.94 13.48
C GLU A 412 -10.87 14.97 12.51
N ARG A 413 -10.20 15.26 11.40
CA ARG A 413 -10.84 16.08 10.37
C ARG A 413 -12.07 15.37 9.81
N TRP A 414 -12.13 14.04 9.96
CA TRP A 414 -13.37 13.31 9.78
C TRP A 414 -13.82 12.80 11.16
N PRO A 415 -15.09 13.07 11.52
CA PRO A 415 -15.69 12.67 12.80
C PRO A 415 -15.34 11.24 13.18
N LEU A 416 -14.91 11.06 14.43
CA LEU A 416 -14.46 9.75 14.90
C LEU A 416 -15.51 8.66 14.73
N ASP A 417 -16.77 8.99 15.03
CA ASP A 417 -17.84 7.99 14.99
C ASP A 417 -18.62 8.02 13.69
N GLY A 418 -18.30 8.98 12.82
CA GLY A 418 -18.88 9.05 11.50
C GLY A 418 -18.29 8.02 10.56
N PRO A 419 -18.76 7.97 9.31
CA PRO A 419 -18.28 6.99 8.33
C PRO A 419 -16.81 7.18 8.02
N ASN A 420 -16.12 6.09 7.71
CA ASN A 420 -14.73 6.17 7.27
C ASN A 420 -14.67 6.91 5.93
N PRO A 421 -13.66 7.78 5.77
CA PRO A 421 -13.54 8.53 4.52
C PRO A 421 -13.14 7.64 3.34
N ASN A 422 -13.74 7.88 2.18
CA ASN A 422 -13.39 7.18 0.96
C ASN A 422 -13.61 8.09 -0.24
N GLU A 423 -13.34 7.60 -1.44
CA GLU A 423 -13.42 8.47 -2.62
C GLU A 423 -14.85 8.92 -2.92
N THR A 424 -15.83 8.12 -2.49
CA THR A 424 -17.21 8.48 -2.71
C THR A 424 -17.68 9.59 -1.78
N ASN A 425 -17.54 9.39 -0.47
CA ASN A 425 -18.00 10.39 0.48
C ASN A 425 -17.13 11.65 0.58
N GLN A 426 -15.91 11.57 0.04
CA GLN A 426 -15.06 12.76 -0.08
C GLN A 426 -15.09 13.33 -1.51
N ASN A 427 -15.98 12.79 -2.34
CA ASN A 427 -16.17 13.28 -3.70
CA ASN A 427 -16.18 13.23 -3.72
C ASN A 427 -14.89 13.42 -4.52
N PHE A 428 -14.03 12.42 -4.45
CA PHE A 428 -12.78 12.36 -5.21
C PHE A 428 -11.72 13.40 -4.83
N SER A 429 -11.87 14.06 -3.68
CA SER A 429 -10.77 14.83 -3.11
C SER A 429 -9.87 13.94 -2.24
N TYR A 430 -10.32 12.71 -2.00
CA TYR A 430 -9.56 11.72 -1.21
C TYR A 430 -9.60 10.39 -1.97
N LEU A 431 -8.43 9.89 -2.38
CA LEU A 431 -8.34 8.67 -3.19
C LEU A 431 -7.22 7.75 -2.73
N PRO A 432 -7.22 7.38 -1.45
CA PRO A 432 -6.15 6.53 -0.89
C PRO A 432 -5.94 5.24 -1.68
N PHE A 433 -7.02 4.70 -2.24
CA PHE A 433 -6.94 3.45 -3.00
C PHE A 433 -7.43 3.58 -4.42
N GLY A 434 -7.41 4.81 -4.93
CA GLY A 434 -7.90 5.07 -6.27
C GLY A 434 -9.42 5.14 -6.32
N GLY A 435 -9.98 4.89 -7.49
CA GLY A 435 -11.40 5.04 -7.65
C GLY A 435 -11.86 4.46 -8.97
N GLY A 436 -13.16 4.23 -9.08
CA GLY A 436 -13.73 3.70 -10.30
C GLY A 436 -13.34 2.24 -10.50
N PRO A 437 -13.40 1.77 -11.76
CA PRO A 437 -13.19 0.34 -12.02
C PRO A 437 -11.79 -0.17 -11.72
N ARG A 438 -10.78 0.71 -11.72
CA ARG A 438 -9.39 0.28 -11.50
C ARG A 438 -8.95 0.45 -10.05
N LYS A 439 -9.91 0.72 -9.16
CA LYS A 439 -9.62 0.90 -7.74
C LYS A 439 -8.89 -0.33 -7.16
N CYS A 440 -7.98 -0.08 -6.23
CA CYS A 440 -7.26 -1.13 -5.53
C CYS A 440 -8.16 -2.28 -5.05
N ILE A 441 -7.77 -3.51 -5.37
CA ILE A 441 -8.47 -4.70 -4.84
C ILE A 441 -8.05 -5.04 -3.41
N GLY A 442 -6.97 -4.45 -2.94
CA GLY A 442 -6.47 -4.74 -1.61
C GLY A 442 -6.78 -3.65 -0.60
N ASP A 443 -7.81 -2.85 -0.88
CA ASP A 443 -8.15 -1.73 0.01
C ASP A 443 -8.52 -2.15 1.43
N MET A 444 -9.37 -3.17 1.56
CA MET A 444 -9.72 -3.66 2.90
C MET A 444 -8.54 -4.39 3.55
N PHE A 445 -7.88 -5.25 2.78
CA PHE A 445 -6.66 -5.97 3.21
C PHE A 445 -5.66 -5.00 3.82
N ALA A 446 -5.29 -3.98 3.04
CA ALA A 446 -4.24 -3.05 3.47
C ALA A 446 -4.68 -2.14 4.62
N SER A 447 -5.95 -1.71 4.60
CA SER A 447 -6.46 -0.85 5.67
C SER A 447 -6.35 -1.58 7.00
N PHE A 448 -6.72 -2.85 7.00
CA PHE A 448 -6.64 -3.68 8.21
C PHE A 448 -5.19 -3.97 8.62
N GLU A 449 -4.36 -4.30 7.63
CA GLU A 449 -2.93 -4.57 7.83
C GLU A 449 -2.26 -3.42 8.57
N ASN A 450 -2.51 -2.20 8.09
CA ASN A 450 -1.86 -1.04 8.68
C ASN A 450 -2.43 -0.67 10.05
N VAL A 451 -3.74 -0.85 10.23
CA VAL A 451 -4.32 -0.66 11.56
C VAL A 451 -3.71 -1.65 12.59
N VAL A 452 -3.53 -2.89 12.19
CA VAL A 452 -2.92 -3.89 13.09
C VAL A 452 -1.48 -3.49 13.47
N ALA A 453 -0.67 -3.13 12.48
CA ALA A 453 0.73 -2.81 12.74
C ALA A 453 0.83 -1.55 13.62
N ILE A 454 0.08 -0.51 13.27
CA ILE A 454 0.09 0.72 14.05
C ILE A 454 -0.30 0.43 15.52
N ALA A 455 -1.39 -0.29 15.70
CA ALA A 455 -1.92 -0.55 17.03
C ALA A 455 -0.95 -1.36 17.89
N MET A 456 -0.37 -2.41 17.34
CA MET A 456 0.51 -3.26 18.13
C MET A 456 1.80 -2.54 18.51
N LEU A 457 2.33 -1.73 17.60
CA LEU A 457 3.55 -1.02 17.90
C LEU A 457 3.30 0.07 18.92
N ILE A 458 2.19 0.79 18.78
CA ILE A 458 1.92 1.93 19.67
C ILE A 458 1.57 1.46 21.09
N ARG A 459 0.98 0.28 21.20
CA ARG A 459 0.75 -0.37 22.49
C ARG A 459 2.05 -0.54 23.26
N ARG A 460 3.10 -0.98 22.56
CA ARG A 460 4.33 -1.43 23.21
C ARG A 460 5.44 -0.40 23.37
N PHE A 461 5.49 0.60 22.49
CA PHE A 461 6.65 1.48 22.47
C PHE A 461 6.30 2.96 22.32
N ASN A 462 7.15 3.81 22.88
CA ASN A 462 7.16 5.24 22.57
C ASN A 462 8.21 5.47 21.48
N PHE A 463 7.85 6.28 20.48
CA PHE A 463 8.77 6.61 19.40
C PHE A 463 9.05 8.10 19.38
N GLN A 464 10.32 8.47 19.13
CA GLN A 464 10.70 9.86 18.92
C GLN A 464 11.79 9.95 17.87
N ILE A 465 11.86 11.08 17.16
CA ILE A 465 12.94 11.30 16.20
C ILE A 465 14.26 11.22 16.95
N ALA A 466 15.21 10.45 16.42
CA ALA A 466 16.47 10.25 17.10
C ALA A 466 17.35 11.50 16.98
N PRO A 467 18.06 11.84 18.07
CA PRO A 467 18.98 12.97 18.02
C PRO A 467 20.04 12.75 16.94
N GLY A 468 20.25 13.74 16.08
CA GLY A 468 21.26 13.65 15.04
C GLY A 468 20.84 12.78 13.86
N ALA A 469 19.58 12.37 13.84
CA ALA A 469 19.04 11.63 12.69
C ALA A 469 19.13 12.42 11.40
N PRO A 470 19.37 11.71 10.27
CA PRO A 470 19.31 12.40 8.98
C PRO A 470 17.94 13.03 8.80
N PRO A 471 17.87 14.17 8.13
CA PRO A 471 16.58 14.83 7.89
C PRO A 471 15.60 13.93 7.15
N VAL A 472 14.32 14.06 7.48
CA VAL A 472 13.29 13.35 6.75
C VAL A 472 12.82 14.17 5.55
N LYS A 473 13.14 13.69 4.34
CA LYS A 473 12.73 14.32 3.10
C LYS A 473 12.14 13.27 2.16
N MET A 474 11.41 13.71 1.13
CA MET A 474 10.73 12.79 0.20
C MET A 474 11.46 12.61 -1.13
N THR A 475 11.29 11.44 -1.75
CA THR A 475 11.83 11.19 -3.09
C THR A 475 10.75 10.84 -4.12
N THR A 476 11.15 10.82 -5.40
CA THR A 476 10.28 10.31 -6.46
C THR A 476 10.18 8.80 -6.36
N GLY A 477 9.30 8.21 -7.15
CA GLY A 477 9.17 6.77 -7.18
C GLY A 477 7.72 6.34 -7.25
N ALA A 478 7.50 5.04 -7.37
CA ALA A 478 6.17 4.47 -7.35
C ALA A 478 5.47 4.83 -6.04
N THR A 479 6.23 4.85 -4.96
CA THR A 479 5.72 5.22 -3.66
C THR A 479 6.56 6.37 -3.12
N ILE A 480 6.09 7.06 -2.09
CA ILE A 480 6.89 8.16 -1.53
C ILE A 480 7.89 7.61 -0.52
N HIS A 481 9.15 7.54 -0.93
CA HIS A 481 10.20 7.06 -0.04
C HIS A 481 10.78 8.27 0.69
N THR A 482 11.45 8.02 1.80
CA THR A 482 12.26 9.07 2.40
C THR A 482 13.62 9.04 1.73
N THR A 483 14.38 10.12 1.88
CA THR A 483 15.70 10.17 1.29
C THR A 483 16.73 9.33 2.01
N GLU A 484 16.65 9.29 3.35
CA GLU A 484 17.65 8.61 4.16
C GLU A 484 17.08 7.77 5.30
N GLY A 485 15.78 7.52 5.31
CA GLY A 485 15.19 6.71 6.37
C GLY A 485 14.52 7.57 7.44
N LEU A 486 13.90 6.88 8.41
CA LEU A 486 13.25 7.51 9.54
C LEU A 486 13.86 6.92 10.80
N LYS A 487 14.88 7.61 11.31
CA LYS A 487 15.66 7.10 12.44
C LYS A 487 15.02 7.53 13.75
N LEU A 488 14.55 6.56 14.52
CA LEU A 488 13.81 6.85 15.74
C LEU A 488 14.46 6.22 16.97
N THR A 489 14.26 6.88 18.10
CA THR A 489 14.48 6.22 19.38
C THR A 489 13.25 5.42 19.75
N VAL A 490 13.45 4.28 20.39
CA VAL A 490 12.35 3.42 20.83
CA VAL A 490 12.36 3.41 20.82
C VAL A 490 12.50 3.05 22.30
N THR A 491 11.47 3.32 23.07
CA THR A 491 11.46 2.95 24.49
C THR A 491 10.20 2.16 24.81
N LYS A 492 10.29 1.26 25.78
CA LYS A 492 9.17 0.39 26.14
C LYS A 492 8.09 1.09 26.98
N ARG A 493 6.83 0.78 26.68
CA ARG A 493 5.69 1.32 27.41
C ARG A 493 5.15 0.33 28.43
N THR A 494 5.52 -0.93 28.27
CA THR A 494 5.12 -1.98 29.23
C THR A 494 6.38 -2.62 29.81
N LYS A 495 6.22 -3.26 30.98
CA LYS A 495 7.36 -3.91 31.65
C LYS A 495 7.51 -5.36 31.22
N PRO A 496 8.76 -5.84 31.11
CA PRO A 496 9.05 -7.22 30.71
C PRO A 496 8.34 -8.25 31.59
N LEU A 497 8.13 -7.91 32.86
CA LEU A 497 7.51 -8.87 33.78
C LEU A 497 6.04 -8.57 34.07
N ASP A 498 5.44 -7.69 33.27
CA ASP A 498 4.01 -7.49 33.31
C ASP A 498 3.32 -8.69 32.70
N ILE A 499 2.25 -9.14 33.33
CA ILE A 499 1.43 -10.20 32.75
C ILE A 499 0.70 -9.64 31.52
N PRO A 500 0.66 -10.42 30.43
CA PRO A 500 -0.04 -9.98 29.22
C PRO A 500 -1.46 -9.54 29.54
N SER A 501 -1.85 -8.36 29.10
CA SER A 501 -3.16 -7.83 29.42
CA SER A 501 -3.18 -7.85 29.43
C SER A 501 -4.11 -7.96 28.23
N VAL A 502 -5.29 -8.51 28.51
CA VAL A 502 -6.25 -8.90 27.49
C VAL A 502 -7.59 -8.28 27.86
N PRO A 503 -7.94 -7.15 27.23
CA PRO A 503 -9.21 -6.49 27.49
C PRO A 503 -10.33 -7.06 26.64
N ILE A 504 -11.53 -7.12 27.20
CA ILE A 504 -12.72 -7.50 26.43
C ILE A 504 -13.86 -6.54 26.71
#